data_4MYO
#
_entry.id   4MYO
#
_cell.length_a   91.836
_cell.length_b   184.037
_cell.length_c   96.909
_cell.angle_alpha   90.00
_cell.angle_beta   90.00
_cell.angle_gamma   90.00
#
_symmetry.space_group_name_H-M   'C 2 2 21'
#
loop_
_entity.id
_entity.type
_entity.pdbx_description
1 polymer 'Virginiamycin A acetyltransferase'
2 non-polymer 'MAGNESIUM ION'
3 non-polymer 'CHLORIDE ION'
4 non-polymer 'SULFATE ION'
5 water water
#
_entity_poly.entity_id   1
_entity_poly.type   'polypeptide(L)'
_entity_poly.pdbx_seq_one_letter_code
;GHGPDPENILPIKGNRNLQFIKPTITNENILVGEYSYYDSKRGESFEDQVLYHYEVIGDKLIIGRFCSIGPGTTFIMNGA
NHRMDGSTYPFHLFRMGWEKYMPSLKDLPLKGDIEIGNDVWIGRDVTIMPGVKIGDGAIIAAEAVVTKNVAPYSIVGGNP
LKFIRKRFSDGVIEEWLALQWWNLDMKIINENLPFIINGDIEMLKRKRKLLDDT
;
_entity_poly.pdbx_strand_id   A,B,C
#
# COMPACT_ATOMS: atom_id res chain seq x y z
N GLY A 1 41.26 8.62 5.00
CA GLY A 1 39.90 8.97 5.35
C GLY A 1 38.90 7.90 4.94
N HIS A 2 38.84 6.82 5.69
CA HIS A 2 37.92 5.72 5.41
C HIS A 2 36.48 6.20 5.31
N GLY A 3 35.74 5.62 4.38
CA GLY A 3 34.35 6.00 4.16
C GLY A 3 34.20 6.88 2.93
N PRO A 4 32.98 6.97 2.41
CA PRO A 4 32.69 7.81 1.24
C PRO A 4 32.51 9.27 1.63
N ASP A 5 32.39 10.12 0.61
CA ASP A 5 32.12 11.54 0.80
C ASP A 5 30.61 11.72 1.01
N PRO A 6 30.22 12.20 2.20
CA PRO A 6 28.80 12.41 2.52
C PRO A 6 28.15 13.48 1.64
N GLU A 7 28.96 14.29 0.96
CA GLU A 7 28.44 15.32 0.06
C GLU A 7 28.34 14.81 -1.37
N ASN A 8 28.86 13.62 -1.62
CA ASN A 8 28.74 12.99 -2.93
C ASN A 8 27.37 12.34 -3.09
N ILE A 9 26.60 12.84 -4.05
CA ILE A 9 25.22 12.40 -4.25
C ILE A 9 25.11 10.91 -4.57
N LEU A 10 25.96 10.43 -5.46
CA LEU A 10 25.94 9.02 -5.87
C LEU A 10 27.21 8.32 -5.41
N PRO A 11 27.21 7.85 -4.14
CA PRO A 11 28.42 7.28 -3.52
C PRO A 11 28.90 6.01 -4.23
N ILE A 12 27.96 5.13 -4.54
CA ILE A 12 28.28 3.88 -5.23
C ILE A 12 28.29 4.12 -6.74
N LYS A 13 29.49 4.14 -7.32
CA LYS A 13 29.66 4.57 -8.71
C LYS A 13 29.03 3.62 -9.73
N GLY A 14 28.63 2.43 -9.29
CA GLY A 14 27.89 1.52 -10.13
C GLY A 14 26.40 1.75 -10.00
N ASN A 15 26.01 2.37 -8.89
CA ASN A 15 24.60 2.58 -8.58
C ASN A 15 24.14 4.00 -8.92
N ARG A 16 22.92 4.13 -9.43
CA ARG A 16 22.41 5.42 -9.85
C ARG A 16 21.06 5.72 -9.18
N ASN A 17 20.62 4.81 -8.33
CA ASN A 17 19.37 5.00 -7.59
C ASN A 17 19.62 5.34 -6.14
N LEU A 18 20.68 4.78 -5.57
CA LEU A 18 21.03 5.02 -4.17
C LEU A 18 21.72 6.38 -4.04
N GLN A 19 21.10 7.28 -3.29
CA GLN A 19 21.58 8.65 -3.20
C GLN A 19 21.75 9.08 -1.75
N PHE A 20 22.88 9.71 -1.46
CA PHE A 20 23.02 10.42 -0.19
C PHE A 20 22.06 11.58 -0.22
N ILE A 21 21.10 11.58 0.69
CA ILE A 21 20.01 12.55 0.69
C ILE A 21 20.47 14.00 0.85
N LYS A 22 21.33 14.25 1.85
CA LYS A 22 21.71 15.62 2.22
C LYS A 22 22.13 16.55 1.07
N PRO A 23 23.11 16.14 0.25
CA PRO A 23 23.53 17.08 -0.81
C PRO A 23 22.52 17.23 -1.95
N THR A 24 21.40 16.50 -1.91
CA THR A 24 20.36 16.65 -2.93
C THR A 24 19.28 17.62 -2.50
N ILE A 25 19.28 17.98 -1.21
CA ILE A 25 18.25 18.87 -0.66
C ILE A 25 18.29 20.26 -1.32
N THR A 26 17.11 20.77 -1.65
CA THR A 26 16.97 22.07 -2.30
C THR A 26 16.00 22.94 -1.51
N ASN A 27 14.91 22.32 -1.06
CA ASN A 27 13.88 23.05 -0.34
C ASN A 27 14.28 23.38 1.10
N GLU A 28 13.54 24.29 1.72
CA GLU A 28 13.74 24.59 3.13
C GLU A 28 12.81 23.71 3.96
N ASN A 29 12.94 23.80 5.27
CA ASN A 29 12.16 22.98 6.19
C ASN A 29 12.40 21.47 6.01
N ILE A 30 13.53 21.13 5.41
CA ILE A 30 13.98 19.74 5.32
C ILE A 30 15.44 19.63 5.78
N LEU A 31 15.64 18.96 6.92
CA LEU A 31 16.97 18.79 7.49
C LEU A 31 17.33 17.31 7.56
N VAL A 32 18.29 16.88 6.74
CA VAL A 32 18.71 15.49 6.72
C VAL A 32 20.19 15.31 7.01
N GLY A 33 20.49 14.58 8.08
CA GLY A 33 21.87 14.35 8.50
C GLY A 33 22.74 13.62 7.51
N GLU A 34 24.06 13.67 7.74
CA GLU A 34 25.04 13.06 6.85
C GLU A 34 24.87 11.53 6.75
N TYR A 35 25.30 10.97 5.61
CA TYR A 35 25.31 9.52 5.36
C TYR A 35 23.93 8.85 5.24
N SER A 36 22.86 9.60 5.49
CA SER A 36 21.52 9.05 5.29
C SER A 36 21.23 8.96 3.81
N TYR A 37 20.81 7.77 3.36
CA TYR A 37 20.61 7.55 1.93
C TYR A 37 19.17 7.22 1.57
N TYR A 38 18.80 7.52 0.33
CA TYR A 38 17.51 7.09 -0.21
C TYR A 38 17.73 6.18 -1.40
N ASP A 39 17.31 4.93 -1.27
CA ASP A 39 17.42 3.98 -2.36
C ASP A 39 16.21 4.10 -3.28
N SER A 40 16.29 4.97 -4.28
CA SER A 40 15.16 5.26 -5.16
C SER A 40 14.77 4.08 -6.06
N LYS A 41 13.60 4.19 -6.69
CA LYS A 41 13.13 3.17 -7.61
C LYS A 41 13.64 3.39 -9.02
N ARG A 42 13.33 4.55 -9.60
CA ARG A 42 13.78 4.87 -10.95
C ARG A 42 14.65 6.13 -10.97
N GLY A 43 15.31 6.41 -9.86
CA GLY A 43 16.24 7.52 -9.77
C GLY A 43 15.64 8.83 -9.29
N GLU A 44 14.40 8.78 -8.82
CA GLU A 44 13.73 9.98 -8.33
C GLU A 44 14.41 10.53 -7.08
N SER A 45 14.39 11.86 -6.92
CA SER A 45 15.02 12.50 -5.77
C SER A 45 14.19 12.31 -4.50
N PHE A 46 14.87 12.36 -3.36
CA PHE A 46 14.22 12.22 -2.06
C PHE A 46 13.10 13.24 -1.86
N GLU A 47 13.32 14.46 -2.31
CA GLU A 47 12.34 15.54 -2.14
C GLU A 47 11.02 15.25 -2.86
N ASP A 48 11.10 14.49 -3.95
CA ASP A 48 9.89 14.06 -4.66
C ASP A 48 9.03 13.17 -3.78
N GLN A 49 9.65 12.51 -2.81
CA GLN A 49 8.94 11.65 -1.89
C GLN A 49 8.28 12.45 -0.76
N VAL A 50 8.70 13.71 -0.63
CA VAL A 50 8.13 14.60 0.38
C VAL A 50 6.93 15.32 -0.17
N LEU A 51 5.74 14.98 0.33
CA LEU A 51 4.49 15.48 -0.21
C LEU A 51 3.72 16.36 0.78
N TYR A 52 2.91 17.27 0.24
CA TYR A 52 2.09 18.18 1.02
C TYR A 52 2.92 19.07 1.94
N HIS A 53 4.11 19.44 1.48
CA HIS A 53 5.02 20.24 2.29
C HIS A 53 5.04 21.70 1.83
N TYR A 54 4.18 22.51 2.41
CA TYR A 54 4.06 23.91 2.00
C TYR A 54 4.79 24.83 2.98
N GLU A 55 5.57 25.77 2.44
CA GLU A 55 6.34 26.68 3.26
C GLU A 55 5.45 27.47 4.21
N VAL A 56 4.26 27.83 3.73
CA VAL A 56 3.30 28.63 4.49
C VAL A 56 2.94 28.00 5.83
N ILE A 57 2.77 26.67 5.83
CA ILE A 57 2.44 25.94 7.05
C ILE A 57 3.60 25.95 8.05
N GLY A 58 4.82 25.83 7.53
CA GLY A 58 6.01 25.94 8.35
C GLY A 58 6.46 24.66 9.05
N ASP A 59 5.77 23.56 8.79
CA ASP A 59 6.17 22.27 9.36
C ASP A 59 7.51 21.82 8.77
N LYS A 60 8.27 21.05 9.54
CA LYS A 60 9.60 20.64 9.09
C LYS A 60 9.77 19.12 9.03
N LEU A 61 10.74 18.69 8.23
CA LEU A 61 11.09 17.28 8.13
C LEU A 61 12.54 17.07 8.56
N ILE A 62 12.74 16.44 9.70
CA ILE A 62 14.08 16.20 10.23
C ILE A 62 14.45 14.72 10.23
N ILE A 63 15.55 14.40 9.57
CA ILE A 63 16.07 13.04 9.55
C ILE A 63 17.51 13.04 10.06
N GLY A 64 17.81 12.13 10.99
CA GLY A 64 19.15 12.05 11.56
C GLY A 64 20.16 11.46 10.60
N ARG A 65 21.30 11.06 11.12
CA ARG A 65 22.37 10.52 10.30
C ARG A 65 22.32 8.99 10.19
N PHE A 66 23.00 8.47 9.17
CA PHE A 66 23.12 7.02 8.95
C PHE A 66 21.78 6.31 8.84
N CYS A 67 20.81 6.97 8.21
CA CYS A 67 19.49 6.39 8.04
C CYS A 67 19.34 5.66 6.70
N SER A 68 18.66 4.52 6.73
CA SER A 68 18.37 3.76 5.53
C SER A 68 16.93 4.00 5.14
N ILE A 69 16.72 4.69 4.02
CA ILE A 69 15.35 4.98 3.58
C ILE A 69 15.01 4.18 2.33
N GLY A 70 14.14 3.19 2.49
CA GLY A 70 13.76 2.31 1.40
C GLY A 70 13.03 3.00 0.27
N PRO A 71 13.03 2.38 -0.92
CA PRO A 71 12.35 2.90 -2.11
C PRO A 71 10.85 3.05 -1.93
N GLY A 72 10.31 4.16 -2.39
CA GLY A 72 8.88 4.39 -2.36
C GLY A 72 8.42 4.99 -1.06
N THR A 73 9.34 5.15 -0.11
CA THR A 73 9.03 5.73 1.18
C THR A 73 8.45 7.13 1.00
N THR A 74 7.27 7.34 1.55
CA THR A 74 6.57 8.61 1.40
C THR A 74 6.42 9.33 2.74
N PHE A 75 6.64 10.64 2.71
CA PHE A 75 6.49 11.47 3.90
C PHE A 75 5.34 12.44 3.69
N ILE A 76 4.21 12.17 4.35
CA ILE A 76 3.06 13.05 4.22
C ILE A 76 3.10 14.17 5.26
N MET A 77 3.11 15.41 4.78
CA MET A 77 3.18 16.56 5.67
C MET A 77 1.80 17.14 5.92
N ASN A 78 1.75 18.28 6.61
CA ASN A 78 0.47 18.83 7.07
C ASN A 78 -0.42 19.43 5.99
N GLY A 79 0.11 19.58 4.78
CA GLY A 79 -0.65 20.09 3.66
C GLY A 79 -1.85 19.22 3.33
N ALA A 80 -1.73 17.92 3.62
CA ALA A 80 -2.79 16.96 3.33
C ALA A 80 -3.99 17.14 4.28
N ASN A 81 -3.77 17.80 5.40
CA ASN A 81 -4.81 17.95 6.41
C ASN A 81 -5.97 18.82 5.95
N HIS A 82 -7.18 18.27 5.99
CA HIS A 82 -8.39 19.05 5.71
C HIS A 82 -8.97 19.56 7.02
N ARG A 83 -9.72 20.65 6.96
CA ARG A 83 -10.39 21.20 8.13
C ARG A 83 -11.54 20.29 8.54
N MET A 84 -11.67 20.04 9.84
CA MET A 84 -12.62 19.03 10.32
C MET A 84 -13.70 19.55 11.26
N ASP A 85 -13.84 20.88 11.32
CA ASP A 85 -14.87 21.49 12.15
C ASP A 85 -16.26 21.27 11.57
N GLY A 86 -16.41 21.53 10.29
CA GLY A 86 -17.67 21.32 9.59
C GLY A 86 -17.46 20.39 8.42
N SER A 87 -17.46 20.95 7.21
CA SER A 87 -17.15 20.17 6.03
C SER A 87 -15.65 20.06 5.83
N THR A 88 -15.20 18.91 5.34
CA THR A 88 -13.79 18.70 5.04
C THR A 88 -13.45 19.18 3.63
N TYR A 89 -14.41 19.80 2.96
CA TYR A 89 -14.23 20.27 1.59
C TYR A 89 -13.50 21.61 1.56
N PRO A 90 -12.37 21.66 0.84
CA PRO A 90 -11.56 22.88 0.75
C PRO A 90 -12.12 23.85 -0.30
N PHE A 91 -13.27 24.46 0.00
CA PHE A 91 -13.91 25.41 -0.91
C PHE A 91 -12.94 26.47 -1.42
N HIS A 92 -12.09 26.94 -0.52
CA HIS A 92 -11.18 28.06 -0.80
C HIS A 92 -10.26 27.81 -2.00
N LEU A 93 -9.94 26.56 -2.26
CA LEU A 93 -9.04 26.21 -3.35
C LEU A 93 -9.57 26.63 -4.72
N PHE A 94 -10.90 26.67 -4.85
CA PHE A 94 -11.51 26.91 -6.15
C PHE A 94 -11.81 28.39 -6.39
N ARG A 95 -11.72 29.18 -5.33
CA ARG A 95 -11.94 30.62 -5.40
C ARG A 95 -13.29 30.99 -6.00
N MET A 96 -13.29 31.88 -6.98
CA MET A 96 -14.51 32.36 -7.63
C MET A 96 -15.52 32.83 -6.59
N GLY A 97 -15.03 33.45 -5.53
CA GLY A 97 -15.87 33.95 -4.47
C GLY A 97 -15.73 33.15 -3.18
N TRP A 98 -14.96 32.08 -3.22
CA TRP A 98 -14.78 31.21 -2.06
C TRP A 98 -13.44 31.44 -1.37
N GLU A 99 -12.62 32.32 -1.92
CA GLU A 99 -11.31 32.57 -1.34
C GLU A 99 -11.42 33.30 0.00
N LYS A 100 -12.59 33.89 0.25
CA LYS A 100 -12.86 34.56 1.51
C LYS A 100 -12.92 33.56 2.66
N TYR A 101 -13.10 32.30 2.30
CA TYR A 101 -13.20 31.22 3.27
C TYR A 101 -11.86 30.51 3.45
N MET A 102 -10.78 31.21 3.09
CA MET A 102 -9.43 30.70 3.29
C MET A 102 -9.21 30.46 4.78
N PRO A 103 -8.86 29.22 5.13
CA PRO A 103 -8.64 28.83 6.53
C PRO A 103 -7.39 29.47 7.11
N SER A 104 -7.37 29.68 8.42
CA SER A 104 -6.14 30.09 9.08
C SER A 104 -5.37 28.83 9.45
N LEU A 105 -4.08 28.99 9.71
CA LEU A 105 -3.23 27.86 10.07
C LEU A 105 -3.69 27.22 11.38
N LYS A 106 -4.38 28.00 12.21
CA LYS A 106 -4.88 27.49 13.49
C LYS A 106 -6.25 26.84 13.34
N ASP A 107 -6.82 26.93 12.14
CA ASP A 107 -8.08 26.24 11.84
C ASP A 107 -7.81 24.83 11.35
N LEU A 108 -6.55 24.59 10.96
CA LEU A 108 -6.17 23.30 10.42
C LEU A 108 -5.58 22.41 11.50
N PRO A 109 -5.90 21.11 11.46
CA PRO A 109 -5.35 20.14 12.41
C PRO A 109 -3.87 19.94 12.16
N LEU A 110 -3.03 20.86 12.61
CA LEU A 110 -1.60 20.73 12.41
C LEU A 110 -1.01 19.74 13.42
N LYS A 111 -0.36 18.70 12.90
CA LYS A 111 0.19 17.62 13.72
C LYS A 111 1.63 17.87 14.14
N GLY A 112 2.27 18.85 13.50
CA GLY A 112 3.64 19.20 13.83
C GLY A 112 4.67 18.75 12.81
N ASP A 113 5.93 18.73 13.21
CA ASP A 113 7.02 18.31 12.33
C ASP A 113 7.16 16.79 12.35
N ILE A 114 7.73 16.24 11.28
CA ILE A 114 8.14 14.84 11.28
C ILE A 114 9.60 14.76 11.70
N GLU A 115 9.87 14.00 12.77
CA GLU A 115 11.23 13.87 13.29
C GLU A 115 11.69 12.42 13.24
N ILE A 116 12.71 12.15 12.42
CA ILE A 116 13.30 10.83 12.35
C ILE A 116 14.69 10.87 12.96
N GLY A 117 14.97 9.92 13.86
CA GLY A 117 16.23 9.91 14.58
C GLY A 117 17.40 9.47 13.73
N ASN A 118 18.43 8.94 14.39
CA ASN A 118 19.61 8.47 13.68
C ASN A 118 19.62 6.95 13.60
N ASP A 119 20.45 6.43 12.68
CA ASP A 119 20.59 4.98 12.48
C ASP A 119 19.23 4.28 12.29
N VAL A 120 18.33 4.95 11.57
CA VAL A 120 16.99 4.42 11.35
C VAL A 120 16.87 3.67 10.03
N TRP A 121 16.32 2.46 10.09
CA TRP A 121 16.09 1.65 8.90
C TRP A 121 14.61 1.69 8.51
N ILE A 122 14.31 2.34 7.38
CA ILE A 122 12.94 2.46 6.91
C ILE A 122 12.69 1.60 5.67
N GLY A 123 11.78 0.64 5.81
CA GLY A 123 11.51 -0.34 4.76
C GLY A 123 10.96 0.22 3.47
N ARG A 124 10.80 -0.65 2.49
CA ARG A 124 10.28 -0.26 1.18
C ARG A 124 8.82 0.18 1.28
N ASP A 125 8.44 1.20 0.51
CA ASP A 125 7.06 1.63 0.37
C ASP A 125 6.38 1.98 1.70
N VAL A 126 7.14 2.51 2.64
CA VAL A 126 6.58 2.94 3.91
C VAL A 126 5.96 4.33 3.74
N THR A 127 4.80 4.55 4.35
CA THR A 127 4.19 5.88 4.35
C THR A 127 4.22 6.46 5.76
N ILE A 128 4.65 7.71 5.88
CA ILE A 128 4.78 8.35 7.19
C ILE A 128 3.82 9.53 7.36
N MET A 129 2.99 9.43 8.39
CA MET A 129 1.97 10.44 8.70
C MET A 129 2.57 11.69 9.35
N PRO A 130 1.86 12.84 9.22
CA PRO A 130 2.33 14.10 9.80
C PRO A 130 2.50 14.05 11.32
N GLY A 131 3.54 14.71 11.83
CA GLY A 131 3.76 14.81 13.26
C GLY A 131 4.38 13.59 13.91
N VAL A 132 4.78 12.62 13.10
CA VAL A 132 5.33 11.37 13.61
C VAL A 132 6.79 11.50 14.06
N LYS A 133 7.08 11.05 15.27
CA LYS A 133 8.46 11.05 15.77
C LYS A 133 8.99 9.62 15.75
N ILE A 134 10.20 9.45 15.23
CA ILE A 134 10.83 8.13 15.17
C ILE A 134 12.18 8.13 15.87
N GLY A 135 12.32 7.24 16.85
CA GLY A 135 13.51 7.18 17.67
C GLY A 135 14.71 6.58 16.96
N ASP A 136 15.89 6.78 17.53
CA ASP A 136 17.12 6.26 16.97
C ASP A 136 17.11 4.74 16.93
N GLY A 137 17.81 4.17 15.94
CA GLY A 137 17.95 2.73 15.82
C GLY A 137 16.66 1.98 15.56
N ALA A 138 15.59 2.71 15.27
CA ALA A 138 14.29 2.09 15.04
C ALA A 138 14.24 1.37 13.70
N ILE A 139 13.45 0.31 13.63
CA ILE A 139 13.27 -0.42 12.37
C ILE A 139 11.79 -0.42 11.96
N ILE A 140 11.53 0.03 10.74
CA ILE A 140 10.17 0.11 10.23
C ILE A 140 9.98 -0.87 9.07
N ALA A 141 9.09 -1.83 9.27
CA ALA A 141 8.84 -2.87 8.26
C ALA A 141 8.36 -2.29 6.95
N ALA A 142 8.58 -3.01 5.86
CA ALA A 142 8.13 -2.58 4.54
C ALA A 142 6.61 -2.45 4.52
N GLU A 143 6.11 -1.63 3.61
CA GLU A 143 4.66 -1.44 3.41
C GLU A 143 3.92 -0.88 4.63
N ALA A 144 4.66 -0.42 5.63
CA ALA A 144 4.06 0.08 6.86
C ALA A 144 3.51 1.50 6.74
N VAL A 145 2.43 1.78 7.46
CA VAL A 145 1.84 3.11 7.50
C VAL A 145 2.00 3.66 8.91
N VAL A 146 3.01 4.51 9.09
CA VAL A 146 3.39 4.99 10.42
C VAL A 146 2.43 6.06 10.92
N THR A 147 1.43 5.61 11.68
CA THR A 147 0.34 6.48 12.12
C THR A 147 0.58 7.08 13.50
N LYS A 148 1.73 6.74 14.10
CA LYS A 148 2.05 7.22 15.43
C LYS A 148 3.55 7.25 15.68
N ASN A 149 3.94 7.66 16.88
CA ASN A 149 5.37 7.73 17.23
C ASN A 149 5.99 6.35 17.38
N VAL A 150 7.27 6.26 17.02
CA VAL A 150 8.00 5.01 17.14
C VAL A 150 9.13 5.16 18.15
N ALA A 151 9.15 4.26 19.13
CA ALA A 151 10.17 4.29 20.18
C ALA A 151 11.56 3.97 19.62
N PRO A 152 12.61 4.52 20.24
CA PRO A 152 13.99 4.22 19.84
C PRO A 152 14.28 2.73 19.90
N TYR A 153 15.01 2.23 18.91
CA TYR A 153 15.41 0.82 18.86
C TYR A 153 14.23 -0.15 18.99
N SER A 154 13.17 0.12 18.24
N SER A 154 13.17 0.11 18.24
CA SER A 154 11.99 -0.74 18.23
CA SER A 154 12.00 -0.76 18.25
C SER A 154 11.64 -1.15 16.81
C SER A 154 11.58 -1.13 16.82
N ILE A 155 11.07 -2.34 16.66
CA ILE A 155 10.62 -2.81 15.36
C ILE A 155 9.11 -2.66 15.26
N VAL A 156 8.65 -2.02 14.19
CA VAL A 156 7.23 -1.78 13.98
C VAL A 156 6.87 -2.00 12.51
N GLY A 157 5.59 -2.19 12.24
CA GLY A 157 5.11 -2.38 10.88
C GLY A 157 3.60 -2.55 10.81
N GLY A 158 3.04 -2.41 9.61
CA GLY A 158 1.62 -2.62 9.41
C GLY A 158 0.80 -1.37 9.16
N ASN A 159 -0.47 -1.58 8.82
CA ASN A 159 -1.42 -0.51 8.56
C ASN A 159 -2.75 -0.81 9.26
N PRO A 160 -3.06 -0.08 10.34
CA PRO A 160 -2.20 0.95 10.94
C PRO A 160 -1.00 0.34 11.64
N LEU A 161 -0.06 1.19 12.06
CA LEU A 161 1.18 0.71 12.64
C LEU A 161 0.96 -0.13 13.90
N LYS A 162 1.72 -1.21 14.01
CA LYS A 162 1.69 -2.06 15.21
C LYS A 162 3.10 -2.23 15.77
N PHE A 163 3.19 -2.33 17.10
CA PHE A 163 4.46 -2.58 17.76
C PHE A 163 4.81 -4.06 17.69
N ILE A 164 5.92 -4.37 17.02
CA ILE A 164 6.36 -5.75 16.91
C ILE A 164 7.19 -6.17 18.13
N ARG A 165 8.37 -5.58 18.29
CA ARG A 165 9.22 -5.88 19.44
C ARG A 165 10.33 -4.85 19.62
N LYS A 166 10.91 -4.80 20.82
CA LYS A 166 12.05 -3.94 21.07
C LYS A 166 13.34 -4.70 20.76
N ARG A 167 14.26 -4.05 20.05
CA ARG A 167 15.47 -4.70 19.57
C ARG A 167 16.35 -5.22 20.71
N PHE A 168 16.57 -4.39 21.72
CA PHE A 168 17.41 -4.77 22.85
C PHE A 168 16.70 -4.49 24.17
N SER A 169 17.31 -4.92 25.28
CA SER A 169 16.75 -4.65 26.60
C SER A 169 16.75 -3.15 26.87
N ASP A 170 15.90 -2.72 27.79
CA ASP A 170 15.76 -1.31 28.11
C ASP A 170 17.09 -0.69 28.54
N GLY A 171 17.89 -1.45 29.26
CA GLY A 171 19.19 -0.99 29.71
C GLY A 171 20.15 -0.74 28.56
N VAL A 172 20.17 -1.66 27.60
CA VAL A 172 21.07 -1.55 26.46
C VAL A 172 20.73 -0.33 25.59
N ILE A 173 19.44 -0.13 25.35
CA ILE A 173 18.97 1.02 24.59
C ILE A 173 19.44 2.34 25.22
N GLU A 174 19.39 2.41 26.55
CA GLU A 174 19.88 3.57 27.28
C GLU A 174 21.34 3.86 26.94
N GLU A 175 22.13 2.80 26.86
CA GLU A 175 23.56 2.93 26.58
C GLU A 175 23.82 3.43 25.16
N TRP A 176 23.04 2.95 24.20
CA TRP A 176 23.16 3.41 22.83
C TRP A 176 22.75 4.88 22.72
N LEU A 177 21.67 5.24 23.41
CA LEU A 177 21.17 6.61 23.40
C LEU A 177 22.08 7.56 24.18
N ALA A 178 22.85 7.01 25.11
CA ALA A 178 23.80 7.82 25.86
C ALA A 178 25.11 8.00 25.10
N LEU A 179 25.38 7.04 24.21
CA LEU A 179 26.61 7.07 23.43
C LEU A 179 26.52 8.04 22.25
N GLN A 180 25.49 7.86 21.43
CA GLN A 180 25.27 8.68 20.24
C GLN A 180 26.48 8.64 19.32
N TRP A 181 26.81 7.45 18.83
CA TRP A 181 27.99 7.26 17.99
C TRP A 181 27.88 8.04 16.69
N TRP A 182 26.65 8.34 16.28
CA TRP A 182 26.39 9.07 15.05
C TRP A 182 26.86 10.53 15.12
N ASN A 183 27.03 11.04 16.33
CA ASN A 183 27.46 12.43 16.51
C ASN A 183 28.97 12.57 16.77
N LEU A 184 29.67 11.44 16.78
CA LEU A 184 31.12 11.44 16.93
C LEU A 184 31.81 11.76 15.60
N ASP A 185 33.08 12.12 15.65
CA ASP A 185 33.83 12.40 14.44
C ASP A 185 34.06 11.12 13.66
N MET A 186 34.26 11.24 12.35
CA MET A 186 34.48 10.08 11.50
C MET A 186 35.73 9.29 11.88
N LYS A 187 36.71 9.97 12.45
CA LYS A 187 37.90 9.30 12.96
C LYS A 187 37.51 8.31 14.07
N ILE A 188 36.68 8.77 15.00
CA ILE A 188 36.25 7.93 16.11
C ILE A 188 35.36 6.78 15.64
N ILE A 189 34.41 7.11 14.76
CA ILE A 189 33.48 6.11 14.22
C ILE A 189 34.21 5.00 13.48
N ASN A 190 35.16 5.37 12.61
CA ASN A 190 35.94 4.39 11.88
C ASN A 190 36.69 3.43 12.80
N GLU A 191 37.18 3.97 13.92
CA GLU A 191 37.92 3.18 14.88
C GLU A 191 36.97 2.39 15.78
N ASN A 192 35.67 2.60 15.61
CA ASN A 192 34.67 1.92 16.42
C ASN A 192 33.66 1.13 15.59
N LEU A 193 33.78 1.21 14.27
CA LEU A 193 32.87 0.52 13.36
C LEU A 193 32.61 -0.97 13.66
N PRO A 194 33.65 -1.75 13.98
CA PRO A 194 33.40 -3.16 14.31
C PRO A 194 32.36 -3.33 15.43
N PHE A 195 32.54 -2.62 16.53
CA PHE A 195 31.67 -2.78 17.69
C PHE A 195 30.29 -2.17 17.45
N ILE A 196 30.22 -1.15 16.59
CA ILE A 196 28.96 -0.53 16.23
C ILE A 196 28.13 -1.52 15.41
N ILE A 197 28.81 -2.21 14.50
CA ILE A 197 28.19 -3.15 13.59
C ILE A 197 27.74 -4.45 14.26
N ASN A 198 28.60 -5.03 15.10
CA ASN A 198 28.22 -6.23 15.84
C ASN A 198 27.53 -5.93 17.17
N GLY A 199 27.26 -4.65 17.42
CA GLY A 199 26.49 -4.23 18.58
C GLY A 199 27.11 -4.52 19.93
N ASP A 200 28.43 -4.61 19.99
CA ASP A 200 29.13 -4.82 21.26
C ASP A 200 29.19 -3.51 22.03
N ILE A 201 28.10 -3.16 22.70
CA ILE A 201 27.99 -1.87 23.36
C ILE A 201 28.95 -1.71 24.54
N GLU A 202 29.31 -2.83 25.17
N GLU A 202 29.32 -2.82 25.16
CA GLU A 202 30.20 -2.80 26.32
CA GLU A 202 30.21 -2.79 26.31
C GLU A 202 31.68 -2.68 25.93
C GLU A 202 31.64 -2.51 25.90
N MET A 203 31.96 -2.74 24.63
CA MET A 203 33.30 -2.49 24.13
C MET A 203 33.45 -1.02 23.74
N LEU A 204 32.37 -0.46 23.23
CA LEU A 204 32.33 0.95 22.86
C LEU A 204 32.54 1.84 24.08
N LYS A 205 32.05 1.39 25.23
CA LYS A 205 32.20 2.15 26.47
C LYS A 205 33.66 2.14 26.93
N ARG A 206 34.34 1.02 26.73
CA ARG A 206 35.76 0.93 27.05
C ARG A 206 36.57 1.76 26.06
N LYS A 207 36.12 1.77 24.81
CA LYS A 207 36.76 2.54 23.75
C LYS A 207 36.71 4.03 24.04
N ARG A 208 35.60 4.47 24.64
CA ARG A 208 35.43 5.87 25.01
C ARG A 208 35.69 6.08 26.50
N LYS A 209 36.93 6.45 26.83
CA LYS A 209 37.31 6.67 28.22
C LYS A 209 36.54 7.84 28.81
N LEU A 210 35.49 7.54 29.56
CA LEU A 210 34.65 8.59 30.17
C LEU A 210 35.08 8.88 31.60
N LEU A 211 34.59 9.98 32.15
CA LEU A 211 34.89 10.36 33.52
C LEU A 211 33.87 9.79 34.50
N GLY B 1 -24.06 33.51 -9.04
CA GLY B 1 -23.82 32.53 -7.99
C GLY B 1 -22.35 32.21 -7.82
N HIS B 2 -21.74 32.79 -6.79
CA HIS B 2 -20.33 32.57 -6.50
C HIS B 2 -19.97 31.09 -6.48
N GLY B 3 -18.70 30.79 -6.76
CA GLY B 3 -18.24 29.42 -6.81
C GLY B 3 -17.77 29.04 -8.21
N PRO B 4 -17.00 27.95 -8.31
CA PRO B 4 -16.47 27.48 -9.59
C PRO B 4 -17.54 26.78 -10.42
N ASP B 5 -17.27 26.59 -11.71
CA ASP B 5 -18.16 25.85 -12.58
C ASP B 5 -17.93 24.36 -12.38
N PRO B 6 -18.98 23.63 -11.93
CA PRO B 6 -18.85 22.19 -11.71
C PRO B 6 -18.58 21.44 -13.01
N GLU B 7 -18.89 22.06 -14.14
CA GLU B 7 -18.62 21.49 -15.45
C GLU B 7 -17.16 21.70 -15.87
N ASN B 8 -16.46 22.56 -15.17
CA ASN B 8 -15.06 22.85 -15.47
C ASN B 8 -14.14 21.74 -14.97
N ILE B 9 -13.48 21.06 -15.90
CA ILE B 9 -12.62 19.91 -15.58
C ILE B 9 -11.44 20.29 -14.68
N LEU B 10 -10.79 21.41 -14.99
CA LEU B 10 -9.64 21.87 -14.20
C LEU B 10 -9.91 23.27 -13.63
N PRO B 11 -10.60 23.32 -12.48
CA PRO B 11 -11.13 24.56 -11.88
C PRO B 11 -10.11 25.40 -11.13
N ILE B 12 -8.88 24.91 -10.98
CA ILE B 12 -7.85 25.65 -10.27
C ILE B 12 -6.75 26.13 -11.21
N LYS B 13 -6.42 27.41 -11.10
CA LYS B 13 -5.39 28.02 -11.95
C LYS B 13 -4.00 27.50 -11.60
N GLY B 14 -3.30 26.97 -12.60
CA GLY B 14 -1.95 26.47 -12.40
C GLY B 14 -1.93 25.07 -11.81
N ASN B 15 -3.08 24.40 -11.88
CA ASN B 15 -3.20 23.04 -11.39
C ASN B 15 -3.72 22.11 -12.49
N ARG B 16 -2.98 21.04 -12.75
CA ARG B 16 -3.32 20.11 -13.81
C ARG B 16 -3.67 18.75 -13.25
N ASN B 17 -3.67 18.63 -11.93
CA ASN B 17 -3.94 17.36 -11.27
C ASN B 17 -5.34 17.28 -10.66
N LEU B 18 -5.72 18.31 -9.90
CA LEU B 18 -7.04 18.32 -9.26
C LEU B 18 -8.14 18.56 -10.29
N GLN B 19 -9.03 17.59 -10.43
CA GLN B 19 -10.08 17.66 -11.43
C GLN B 19 -11.47 17.51 -10.84
N PHE B 20 -12.46 18.13 -11.50
CA PHE B 20 -13.86 17.86 -11.19
C PHE B 20 -14.26 16.59 -11.92
N ILE B 21 -14.75 15.61 -11.16
CA ILE B 21 -14.93 14.25 -11.68
C ILE B 21 -16.08 14.10 -12.69
N LYS B 22 -17.25 14.62 -12.34
CA LYS B 22 -18.44 14.48 -13.17
C LYS B 22 -18.26 14.81 -14.66
N PRO B 23 -17.63 15.97 -15.00
CA PRO B 23 -17.48 16.26 -16.43
C PRO B 23 -16.37 15.46 -17.13
N THR B 24 -15.74 14.54 -16.42
CA THR B 24 -14.72 13.67 -17.04
C THR B 24 -15.29 12.28 -17.34
N ILE B 25 -16.44 11.98 -16.76
CA ILE B 25 -17.06 10.66 -16.91
C ILE B 25 -17.44 10.35 -18.36
N THR B 26 -16.76 9.37 -18.94
CA THR B 26 -17.04 8.89 -20.29
C THR B 26 -17.80 7.59 -20.21
N ASN B 27 -17.35 6.72 -19.31
CA ASN B 27 -17.94 5.40 -19.14
C ASN B 27 -19.32 5.44 -18.49
N GLU B 28 -20.04 4.34 -18.57
CA GLU B 28 -21.37 4.23 -17.99
C GLU B 28 -21.31 3.74 -16.56
N ASN B 29 -22.45 3.80 -15.86
CA ASN B 29 -22.57 3.28 -14.50
C ASN B 29 -21.61 3.91 -13.49
N ILE B 30 -21.07 5.07 -13.84
CA ILE B 30 -20.27 5.85 -12.90
C ILE B 30 -21.00 7.16 -12.63
N LEU B 31 -21.74 7.19 -11.53
CA LEU B 31 -22.57 8.34 -11.20
C LEU B 31 -21.91 9.19 -10.13
N VAL B 32 -21.36 10.33 -10.53
CA VAL B 32 -20.63 11.20 -9.60
C VAL B 32 -21.29 12.57 -9.47
N GLY B 33 -21.53 12.99 -8.23
CA GLY B 33 -22.20 14.25 -7.95
C GLY B 33 -21.32 15.47 -8.19
N GLU B 34 -21.95 16.64 -8.22
CA GLU B 34 -21.25 17.88 -8.52
C GLU B 34 -20.21 18.24 -7.46
N TYR B 35 -19.19 18.97 -7.91
CA TYR B 35 -18.14 19.50 -7.04
C TYR B 35 -17.25 18.42 -6.41
N SER B 36 -17.63 17.15 -6.55
CA SER B 36 -16.77 16.07 -6.10
C SER B 36 -15.53 16.07 -6.98
N TYR B 37 -14.36 16.06 -6.36
CA TYR B 37 -13.12 16.16 -7.13
C TYR B 37 -12.17 15.00 -6.92
N TYR B 38 -11.29 14.81 -7.88
CA TYR B 38 -10.23 13.82 -7.77
C TYR B 38 -8.88 14.49 -8.02
N ASP B 39 -8.05 14.53 -6.99
CA ASP B 39 -6.73 15.13 -7.10
C ASP B 39 -5.73 14.08 -7.57
N SER B 40 -5.54 13.99 -8.88
CA SER B 40 -4.69 12.97 -9.49
C SER B 40 -3.20 13.14 -9.19
N LYS B 41 -2.42 12.08 -9.44
CA LYS B 41 -0.98 12.14 -9.30
C LYS B 41 -0.32 12.73 -10.54
N ARG B 42 -0.28 11.96 -11.61
CA ARG B 42 0.35 12.40 -12.86
C ARG B 42 -0.69 12.96 -13.82
N GLY B 43 -1.80 13.44 -13.27
CA GLY B 43 -2.87 14.01 -14.08
C GLY B 43 -3.74 12.96 -14.72
N GLU B 44 -3.74 11.76 -14.15
CA GLU B 44 -4.50 10.64 -14.70
C GLU B 44 -6.00 10.84 -14.56
N SER B 45 -6.77 10.20 -15.44
CA SER B 45 -8.22 10.28 -15.41
C SER B 45 -8.81 9.47 -14.26
N PHE B 46 -9.91 9.96 -13.69
CA PHE B 46 -10.58 9.28 -12.59
C PHE B 46 -11.07 7.89 -12.97
N GLU B 47 -11.61 7.76 -14.18
CA GLU B 47 -12.15 6.49 -14.65
C GLU B 47 -11.10 5.39 -14.72
N ASP B 48 -9.84 5.80 -14.90
CA ASP B 48 -8.74 4.85 -14.96
C ASP B 48 -8.50 4.23 -13.58
N GLN B 49 -9.01 4.89 -12.56
CA GLN B 49 -8.89 4.39 -11.18
C GLN B 49 -10.02 3.41 -10.87
N VAL B 50 -10.97 3.28 -11.80
CA VAL B 50 -12.10 2.38 -11.62
C VAL B 50 -11.86 1.06 -12.35
N LEU B 51 -11.58 0.01 -11.59
CA LEU B 51 -11.13 -1.25 -12.16
C LEU B 51 -12.24 -2.29 -12.23
N TYR B 52 -12.06 -3.24 -13.15
CA TYR B 52 -12.96 -4.37 -13.32
C TYR B 52 -14.41 -3.95 -13.55
N HIS B 53 -14.58 -2.78 -14.17
CA HIS B 53 -15.91 -2.23 -14.39
C HIS B 53 -16.42 -2.53 -15.81
N TYR B 54 -17.27 -3.55 -15.92
CA TYR B 54 -17.85 -3.92 -17.21
C TYR B 54 -19.31 -3.51 -17.28
N GLU B 55 -19.71 -2.95 -18.43
CA GLU B 55 -21.03 -2.33 -18.58
C GLU B 55 -22.20 -3.30 -18.44
N VAL B 56 -22.12 -4.43 -19.14
CA VAL B 56 -23.22 -5.39 -19.17
C VAL B 56 -23.58 -5.90 -17.76
N ILE B 57 -22.60 -5.92 -16.87
CA ILE B 57 -22.81 -6.32 -15.49
C ILE B 57 -23.81 -5.39 -14.79
N GLY B 58 -23.88 -4.14 -15.26
CA GLY B 58 -24.75 -3.16 -14.65
C GLY B 58 -24.21 -2.75 -13.29
N ASP B 59 -22.94 -3.04 -13.08
CA ASP B 59 -22.26 -2.72 -11.83
C ASP B 59 -22.10 -1.21 -11.75
N LYS B 60 -22.62 -0.60 -10.70
CA LYS B 60 -22.62 0.86 -10.58
C LYS B 60 -21.68 1.41 -9.50
N LEU B 61 -21.03 2.52 -9.81
CA LEU B 61 -20.21 3.24 -8.83
C LEU B 61 -20.82 4.62 -8.59
N ILE B 62 -21.35 4.82 -7.38
CA ILE B 62 -22.05 6.05 -7.06
C ILE B 62 -21.30 6.91 -6.04
N ILE B 63 -21.08 8.17 -6.39
CA ILE B 63 -20.42 9.12 -5.50
C ILE B 63 -21.24 10.41 -5.40
N GLY B 64 -21.47 10.87 -4.18
CA GLY B 64 -22.28 12.07 -3.95
C GLY B 64 -21.60 13.37 -4.36
N ARG B 65 -22.02 14.46 -3.73
CA ARG B 65 -21.47 15.78 -4.05
C ARG B 65 -20.43 16.22 -3.02
N PHE B 66 -19.54 17.13 -3.44
CA PHE B 66 -18.56 17.75 -2.55
C PHE B 66 -17.63 16.75 -1.86
N CYS B 67 -17.22 15.73 -2.59
CA CYS B 67 -16.32 14.72 -2.07
C CYS B 67 -14.86 15.04 -2.39
N SER B 68 -13.97 14.74 -1.45
CA SER B 68 -12.54 14.89 -1.66
C SER B 68 -11.93 13.51 -1.89
N ILE B 69 -11.49 13.25 -3.11
CA ILE B 69 -10.94 11.94 -3.44
C ILE B 69 -9.45 12.00 -3.75
N GLY B 70 -8.64 11.48 -2.83
CA GLY B 70 -7.20 11.60 -2.91
C GLY B 70 -6.55 10.82 -4.04
N PRO B 71 -5.32 11.21 -4.40
CA PRO B 71 -4.56 10.58 -5.49
C PRO B 71 -4.32 9.09 -5.26
N GLY B 72 -4.31 8.32 -6.33
CA GLY B 72 -4.01 6.91 -6.24
C GLY B 72 -5.15 6.07 -5.72
N THR B 73 -6.26 6.72 -5.38
CA THR B 73 -7.46 6.03 -4.94
C THR B 73 -7.99 5.18 -6.07
N THR B 74 -8.17 3.89 -5.81
CA THR B 74 -8.71 2.99 -6.82
C THR B 74 -10.00 2.34 -6.34
N PHE B 75 -10.90 2.11 -7.27
CA PHE B 75 -12.19 1.50 -6.96
C PHE B 75 -12.28 0.13 -7.63
N ILE B 76 -12.33 -0.91 -6.81
CA ILE B 76 -12.46 -2.27 -7.33
C ILE B 76 -13.92 -2.67 -7.41
N MET B 77 -14.41 -2.85 -8.63
CA MET B 77 -15.77 -3.30 -8.82
C MET B 77 -15.78 -4.82 -8.91
N ASN B 78 -16.96 -5.40 -9.02
CA ASN B 78 -17.12 -6.86 -9.07
C ASN B 78 -16.24 -7.48 -10.17
N GLY B 79 -16.66 -7.30 -11.42
CA GLY B 79 -15.90 -7.69 -12.58
C GLY B 79 -15.10 -8.99 -12.53
N ALA B 80 -13.79 -8.86 -12.36
CA ALA B 80 -12.88 -10.01 -12.41
C ALA B 80 -12.79 -10.76 -11.08
N ASN B 81 -13.95 -11.15 -10.54
CA ASN B 81 -14.01 -11.99 -9.36
C ASN B 81 -14.14 -13.46 -9.76
N HIS B 82 -13.07 -14.22 -9.53
CA HIS B 82 -13.03 -15.62 -9.95
C HIS B 82 -14.04 -16.47 -9.19
N ARG B 83 -14.40 -17.61 -9.75
CA ARG B 83 -15.32 -18.53 -9.08
C ARG B 83 -14.63 -19.17 -7.88
N MET B 84 -15.39 -19.36 -6.81
CA MET B 84 -14.83 -19.86 -5.56
C MET B 84 -15.44 -21.19 -5.12
N ASP B 85 -16.03 -21.91 -6.06
CA ASP B 85 -16.62 -23.21 -5.75
C ASP B 85 -15.57 -24.30 -5.82
N GLY B 86 -14.61 -24.14 -6.72
CA GLY B 86 -13.52 -25.09 -6.86
C GLY B 86 -12.22 -24.34 -7.13
N SER B 87 -11.63 -24.58 -8.29
CA SER B 87 -10.44 -23.84 -8.68
C SER B 87 -10.80 -22.41 -9.02
N THR B 88 -10.03 -21.46 -8.50
CA THR B 88 -10.27 -20.05 -8.80
C THR B 88 -9.61 -19.64 -10.12
N TYR B 89 -9.01 -20.61 -10.81
CA TYR B 89 -8.36 -20.33 -12.08
C TYR B 89 -9.38 -20.02 -13.17
N PRO B 90 -9.23 -18.87 -13.84
CA PRO B 90 -10.13 -18.45 -14.90
C PRO B 90 -9.79 -19.09 -16.25
N PHE B 91 -10.11 -20.37 -16.38
CA PHE B 91 -9.80 -21.12 -17.60
C PHE B 91 -10.36 -20.45 -18.85
N HIS B 92 -11.61 -20.00 -18.76
CA HIS B 92 -12.33 -19.43 -19.90
C HIS B 92 -11.60 -18.29 -20.60
N LEU B 93 -10.74 -17.59 -19.87
CA LEU B 93 -10.02 -16.45 -20.42
C LEU B 93 -9.09 -16.86 -21.57
N PHE B 94 -8.53 -18.04 -21.47
CA PHE B 94 -7.52 -18.50 -22.41
C PHE B 94 -8.12 -19.15 -23.64
N ARG B 95 -9.42 -19.47 -23.54
CA ARG B 95 -10.18 -20.06 -24.64
C ARG B 95 -9.52 -21.30 -25.24
N MET B 96 -9.56 -21.40 -26.56
CA MET B 96 -9.05 -22.58 -27.27
C MET B 96 -9.67 -23.86 -26.73
N GLY B 97 -10.99 -23.83 -26.52
CA GLY B 97 -11.71 -24.98 -25.99
C GLY B 97 -12.24 -24.73 -24.60
N TRP B 98 -11.55 -23.87 -23.85
CA TRP B 98 -11.94 -23.58 -22.48
C TRP B 98 -13.03 -22.52 -22.38
N GLU B 99 -13.31 -21.86 -23.50
CA GLU B 99 -14.27 -20.76 -23.51
C GLU B 99 -15.67 -21.19 -23.10
N LYS B 100 -15.93 -22.50 -23.17
CA LYS B 100 -17.21 -23.04 -22.76
C LYS B 100 -17.35 -23.07 -21.24
N TYR B 101 -16.24 -22.83 -20.55
CA TYR B 101 -16.24 -22.84 -19.10
C TYR B 101 -16.48 -21.46 -18.51
N MET B 102 -17.04 -20.57 -19.30
CA MET B 102 -17.37 -19.22 -18.84
C MET B 102 -18.38 -19.31 -17.70
N PRO B 103 -18.07 -18.68 -16.56
CA PRO B 103 -18.91 -18.71 -15.36
C PRO B 103 -20.24 -18.00 -15.61
N SER B 104 -21.34 -18.61 -15.20
CA SER B 104 -22.61 -17.91 -15.18
C SER B 104 -22.55 -16.89 -14.06
N LEU B 105 -23.16 -15.73 -14.27
CA LEU B 105 -23.13 -14.67 -13.27
C LEU B 105 -23.94 -15.04 -12.03
N LYS B 106 -24.74 -16.09 -12.16
CA LYS B 106 -25.44 -16.67 -11.02
C LYS B 106 -24.45 -17.41 -10.13
N ASP B 107 -23.36 -17.89 -10.74
CA ASP B 107 -22.30 -18.58 -10.01
C ASP B 107 -21.24 -17.62 -9.51
N LEU B 108 -21.36 -16.35 -9.89
CA LEU B 108 -20.40 -15.33 -9.44
C LEU B 108 -20.85 -14.64 -8.16
N PRO B 109 -19.91 -14.47 -7.21
CA PRO B 109 -20.17 -13.81 -5.92
C PRO B 109 -20.23 -12.29 -6.03
N LEU B 110 -21.29 -11.78 -6.65
CA LEU B 110 -21.42 -10.33 -6.84
C LEU B 110 -21.77 -9.62 -5.53
N LYS B 111 -21.06 -8.54 -5.22
CA LYS B 111 -21.26 -7.83 -3.96
C LYS B 111 -22.22 -6.65 -4.07
N GLY B 112 -22.40 -6.12 -5.28
CA GLY B 112 -23.28 -4.98 -5.48
C GLY B 112 -22.51 -3.68 -5.71
N ASP B 113 -23.26 -2.57 -5.79
CA ASP B 113 -22.66 -1.28 -6.11
C ASP B 113 -21.74 -0.73 -5.03
N ILE B 114 -20.78 0.09 -5.44
CA ILE B 114 -20.03 0.91 -4.51
C ILE B 114 -20.76 2.25 -4.37
N GLU B 115 -21.25 2.51 -3.16
CA GLU B 115 -22.03 3.72 -2.90
C GLU B 115 -21.30 4.63 -1.92
N ILE B 116 -20.88 5.79 -2.41
CA ILE B 116 -20.21 6.78 -1.58
C ILE B 116 -21.10 8.02 -1.43
N GLY B 117 -21.29 8.48 -0.21
CA GLY B 117 -22.21 9.58 0.07
C GLY B 117 -21.64 10.95 -0.25
N ASN B 118 -22.23 11.98 0.36
CA ASN B 118 -21.80 13.36 0.12
C ASN B 118 -20.81 13.85 1.16
N ASP B 119 -20.01 14.84 0.76
CA ASP B 119 -19.03 15.47 1.66
C ASP B 119 -18.09 14.44 2.29
N VAL B 120 -17.56 13.52 1.47
CA VAL B 120 -16.68 12.48 1.96
C VAL B 120 -15.23 12.75 1.60
N TRP B 121 -14.36 12.67 2.60
CA TRP B 121 -12.93 12.91 2.40
C TRP B 121 -12.18 11.58 2.34
N ILE B 122 -11.74 11.21 1.15
CA ILE B 122 -10.99 9.97 0.96
C ILE B 122 -9.51 10.28 0.75
N GLY B 123 -8.67 9.75 1.63
CA GLY B 123 -7.25 10.04 1.60
C GLY B 123 -6.51 9.49 0.39
N ARG B 124 -5.20 9.77 0.35
CA ARG B 124 -4.33 9.30 -0.72
C ARG B 124 -4.21 7.76 -0.73
N ASP B 125 -4.13 7.20 -1.94
CA ASP B 125 -3.89 5.77 -2.13
C ASP B 125 -4.85 4.85 -1.38
N VAL B 126 -6.13 5.15 -1.44
CA VAL B 126 -7.12 4.31 -0.77
C VAL B 126 -7.69 3.29 -1.75
N THR B 127 -7.87 2.05 -1.30
CA THR B 127 -8.51 1.04 -2.15
C THR B 127 -9.91 0.74 -1.63
N ILE B 128 -10.89 0.81 -2.52
CA ILE B 128 -12.29 0.57 -2.15
C ILE B 128 -12.85 -0.70 -2.79
N MET B 129 -13.26 -1.64 -1.94
CA MET B 129 -13.72 -2.96 -2.39
C MET B 129 -15.17 -2.93 -2.90
N PRO B 130 -15.58 -3.95 -3.68
CA PRO B 130 -16.94 -4.00 -4.22
C PRO B 130 -18.02 -4.00 -3.12
N GLY B 131 -19.20 -3.48 -3.45
CA GLY B 131 -20.35 -3.54 -2.57
C GLY B 131 -20.25 -2.73 -1.29
N VAL B 132 -19.29 -1.82 -1.22
CA VAL B 132 -19.08 -1.01 -0.02
C VAL B 132 -19.92 0.27 -0.02
N LYS B 133 -20.67 0.50 1.06
CA LYS B 133 -21.39 1.74 1.25
C LYS B 133 -20.61 2.69 2.18
N ILE B 134 -20.43 3.93 1.75
CA ILE B 134 -19.77 4.93 2.58
C ILE B 134 -20.69 6.14 2.84
N GLY B 135 -21.02 6.37 4.11
CA GLY B 135 -21.97 7.41 4.49
C GLY B 135 -21.48 8.83 4.28
N ASP B 136 -22.39 9.79 4.44
CA ASP B 136 -22.07 11.20 4.29
C ASP B 136 -21.06 11.65 5.34
N GLY B 137 -20.19 12.58 4.97
CA GLY B 137 -19.31 13.25 5.93
C GLY B 137 -18.23 12.39 6.55
N ALA B 138 -18.09 11.17 6.08
CA ALA B 138 -17.08 10.26 6.63
C ALA B 138 -15.68 10.64 6.15
N ILE B 139 -14.67 10.19 6.88
CA ILE B 139 -13.29 10.43 6.51
C ILE B 139 -12.52 9.11 6.38
N ILE B 140 -12.03 8.83 5.18
CA ILE B 140 -11.19 7.66 4.96
C ILE B 140 -9.71 8.07 5.03
N ALA B 141 -8.98 7.50 5.98
CA ALA B 141 -7.55 7.80 6.15
C ALA B 141 -6.75 7.32 4.94
N ALA B 142 -5.59 7.94 4.73
CA ALA B 142 -4.72 7.56 3.62
C ALA B 142 -4.31 6.08 3.70
N GLU B 143 -3.98 5.51 2.55
CA GLU B 143 -3.50 4.13 2.43
C GLU B 143 -4.46 3.07 2.95
N ALA B 144 -5.72 3.44 3.16
CA ALA B 144 -6.68 2.52 3.75
C ALA B 144 -7.33 1.60 2.72
N VAL B 145 -7.75 0.43 3.18
CA VAL B 145 -8.45 -0.53 2.33
C VAL B 145 -9.86 -0.72 2.86
N VAL B 146 -10.84 -0.18 2.15
CA VAL B 146 -12.23 -0.21 2.61
C VAL B 146 -12.87 -1.56 2.31
N THR B 147 -12.87 -2.44 3.30
CA THR B 147 -13.38 -3.80 3.13
C THR B 147 -14.77 -3.95 3.71
N LYS B 148 -15.29 -2.89 4.29
CA LYS B 148 -16.60 -2.92 4.93
C LYS B 148 -17.31 -1.56 4.79
N ASN B 149 -18.57 -1.51 5.18
CA ASN B 149 -19.34 -0.27 5.12
C ASN B 149 -18.84 0.76 6.12
N VAL B 150 -18.84 2.03 5.72
CA VAL B 150 -18.39 3.11 6.60
C VAL B 150 -19.56 3.97 7.06
N ALA B 151 -19.73 4.07 8.38
CA ALA B 151 -20.81 4.85 8.96
C ALA B 151 -20.64 6.33 8.65
N PRO B 152 -21.77 7.06 8.53
CA PRO B 152 -21.73 8.51 8.30
C PRO B 152 -20.95 9.25 9.39
N TYR B 153 -20.16 10.24 8.98
CA TYR B 153 -19.40 11.09 9.90
C TYR B 153 -18.50 10.32 10.86
N SER B 154 -17.88 9.26 10.37
CA SER B 154 -16.93 8.48 11.14
C SER B 154 -15.57 8.48 10.46
N ILE B 155 -14.52 8.34 11.26
CA ILE B 155 -13.16 8.29 10.75
C ILE B 155 -12.67 6.84 10.77
N VAL B 156 -12.20 6.36 9.62
CA VAL B 156 -11.78 4.98 9.48
C VAL B 156 -10.41 4.89 8.79
N GLY B 157 -9.77 3.73 8.89
CA GLY B 157 -8.51 3.51 8.22
C GLY B 157 -7.91 2.14 8.48
N GLY B 158 -6.87 1.80 7.71
CA GLY B 158 -6.13 0.57 7.94
C GLY B 158 -6.40 -0.53 6.92
N ASN B 159 -5.58 -1.57 7.00
CA ASN B 159 -5.74 -2.76 6.15
C ASN B 159 -5.65 -4.02 7.01
N PRO B 160 -6.81 -4.67 7.25
CA PRO B 160 -8.15 -4.26 6.80
C PRO B 160 -8.67 -3.05 7.56
N LEU B 161 -9.77 -2.47 7.08
CA LEU B 161 -10.31 -1.24 7.64
C LEU B 161 -10.70 -1.40 9.11
N LYS B 162 -10.35 -0.41 9.91
CA LYS B 162 -10.73 -0.38 11.32
C LYS B 162 -11.45 0.93 11.62
N PHE B 163 -12.37 0.87 12.59
CA PHE B 163 -13.07 2.08 13.03
C PHE B 163 -12.19 2.85 13.99
N ILE B 164 -11.82 4.07 13.61
CA ILE B 164 -11.00 4.90 14.49
C ILE B 164 -11.88 5.61 15.52
N ARG B 165 -12.72 6.53 15.07
CA ARG B 165 -13.60 7.27 15.98
C ARG B 165 -14.70 8.03 15.23
N LYS B 166 -15.71 8.47 15.97
CA LYS B 166 -16.78 9.30 15.41
C LYS B 166 -16.31 10.75 15.34
N ARG B 167 -16.68 11.45 14.28
CA ARG B 167 -16.26 12.85 14.12
C ARG B 167 -16.86 13.75 15.20
N PHE B 168 -18.17 13.62 15.42
CA PHE B 168 -18.84 14.41 16.43
C PHE B 168 -19.70 13.54 17.34
N SER B 169 -20.44 14.18 18.23
CA SER B 169 -21.40 13.49 19.09
C SER B 169 -22.51 12.90 18.24
N ASP B 170 -23.25 11.94 18.80
CA ASP B 170 -24.37 11.33 18.09
C ASP B 170 -25.43 12.39 17.73
N GLY B 171 -25.72 13.26 18.69
CA GLY B 171 -26.68 14.34 18.48
C GLY B 171 -26.26 15.30 17.37
N VAL B 172 -24.98 15.63 17.34
CA VAL B 172 -24.45 16.55 16.34
C VAL B 172 -24.47 15.93 14.95
N ILE B 173 -24.17 14.64 14.88
CA ILE B 173 -24.24 13.91 13.61
C ILE B 173 -25.66 13.91 13.05
N GLU B 174 -26.64 13.69 13.92
CA GLU B 174 -28.05 13.71 13.53
C GLU B 174 -28.44 15.05 12.91
N GLU B 175 -27.86 16.13 13.46
CA GLU B 175 -28.15 17.47 12.99
C GLU B 175 -27.61 17.69 11.58
N TRP B 176 -26.41 17.17 11.31
CA TRP B 176 -25.84 17.26 9.96
C TRP B 176 -26.65 16.45 8.96
N LEU B 177 -27.07 15.26 9.38
CA LEU B 177 -27.82 14.36 8.51
C LEU B 177 -29.24 14.86 8.26
N ALA B 178 -29.77 15.64 9.19
CA ALA B 178 -31.10 16.23 9.02
C ALA B 178 -31.00 17.47 8.14
N LEU B 179 -29.79 18.03 8.08
CA LEU B 179 -29.54 19.25 7.33
C LEU B 179 -29.41 18.99 5.83
N GLN B 180 -28.47 18.10 5.48
CA GLN B 180 -28.16 17.78 4.08
C GLN B 180 -27.89 19.03 3.26
N TRP B 181 -26.85 19.77 3.62
CA TRP B 181 -26.57 21.04 2.96
C TRP B 181 -26.21 20.85 1.49
N TRP B 182 -25.68 19.67 1.16
CA TRP B 182 -25.31 19.34 -0.21
C TRP B 182 -26.53 19.25 -1.13
N ASN B 183 -27.68 18.96 -0.55
CA ASN B 183 -28.93 18.86 -1.30
C ASN B 183 -29.67 20.19 -1.40
N LEU B 184 -29.12 21.22 -0.78
CA LEU B 184 -29.72 22.55 -0.83
C LEU B 184 -29.25 23.29 -2.07
N ASP B 185 -29.97 24.34 -2.43
CA ASP B 185 -29.61 25.15 -3.60
C ASP B 185 -28.29 25.85 -3.39
N MET B 186 -27.56 26.08 -4.48
CA MET B 186 -26.27 26.76 -4.41
C MET B 186 -26.40 28.17 -3.85
N LYS B 187 -27.54 28.80 -4.11
CA LYS B 187 -27.84 30.09 -3.53
C LYS B 187 -27.75 30.02 -2.01
N ILE B 188 -28.47 29.07 -1.41
CA ILE B 188 -28.51 28.99 0.04
C ILE B 188 -27.31 28.25 0.61
N ILE B 189 -26.63 27.47 -0.23
CA ILE B 189 -25.38 26.84 0.17
C ILE B 189 -24.34 27.91 0.46
N ASN B 190 -24.20 28.86 -0.45
CA ASN B 190 -23.32 30.00 -0.24
C ASN B 190 -23.74 30.79 1.00
N GLU B 191 -25.04 30.87 1.20
CA GLU B 191 -25.61 31.62 2.32
C GLU B 191 -25.27 30.96 3.66
N ASN B 192 -24.98 29.67 3.62
CA ASN B 192 -24.65 28.93 4.82
C ASN B 192 -23.18 28.55 4.89
N LEU B 193 -22.45 28.81 3.81
CA LEU B 193 -21.05 28.42 3.69
C LEU B 193 -20.12 28.78 4.85
N PRO B 194 -20.20 30.01 5.39
CA PRO B 194 -19.30 30.30 6.51
C PRO B 194 -19.53 29.38 7.72
N PHE B 195 -20.75 28.87 7.88
CA PHE B 195 -21.08 28.00 9.00
C PHE B 195 -20.81 26.53 8.68
N ILE B 196 -21.04 26.16 7.42
CA ILE B 196 -20.73 24.82 6.94
C ILE B 196 -19.25 24.52 7.11
N ILE B 197 -18.43 25.56 6.99
CA ILE B 197 -16.98 25.44 7.09
C ILE B 197 -16.47 25.43 8.53
N ASN B 198 -16.91 26.38 9.35
CA ASN B 198 -16.46 26.42 10.74
C ASN B 198 -17.22 25.48 11.68
N GLY B 199 -18.23 24.81 11.13
CA GLY B 199 -18.94 23.79 11.88
C GLY B 199 -19.90 24.36 12.90
N ASP B 200 -20.44 25.54 12.62
CA ASP B 200 -21.44 26.13 13.49
C ASP B 200 -22.79 25.46 13.22
N ILE B 201 -22.90 24.21 13.64
CA ILE B 201 -24.10 23.42 13.36
C ILE B 201 -25.34 23.98 14.04
N GLU B 202 -25.14 24.64 15.18
CA GLU B 202 -26.25 25.24 15.91
C GLU B 202 -26.88 26.34 15.08
N MET B 203 -26.03 27.15 14.45
CA MET B 203 -26.47 28.20 13.55
C MET B 203 -27.16 27.60 12.32
N LEU B 204 -26.52 26.59 11.73
CA LEU B 204 -27.06 25.88 10.57
C LEU B 204 -28.44 25.31 10.88
N LYS B 205 -28.57 24.72 12.06
CA LYS B 205 -29.86 24.19 12.52
C LYS B 205 -30.88 25.32 12.62
N ARG B 206 -30.46 26.47 13.13
CA ARG B 206 -31.35 27.63 13.25
C ARG B 206 -31.77 28.17 11.88
N LYS B 207 -30.82 28.20 10.94
CA LYS B 207 -31.12 28.71 9.60
C LYS B 207 -32.15 27.84 8.91
N ARG B 208 -32.05 26.52 9.10
CA ARG B 208 -32.97 25.58 8.46
C ARG B 208 -34.34 25.57 9.14
N LYS B 209 -34.38 25.79 10.45
CA LYS B 209 -35.63 25.93 11.18
C LYS B 209 -36.38 27.14 10.64
N LEU B 210 -35.62 28.16 10.26
CA LEU B 210 -36.18 29.39 9.73
C LEU B 210 -36.74 29.16 8.33
N LEU B 211 -36.17 28.18 7.64
CA LEU B 211 -36.52 27.93 6.24
C LEU B 211 -37.76 27.05 6.07
N ASP B 212 -38.60 27.00 7.10
CA ASP B 212 -39.87 26.28 7.02
C ASP B 212 -41.06 27.22 7.03
N HIS C 2 -5.96 -29.96 -25.96
CA HIS C 2 -7.04 -28.98 -25.84
C HIS C 2 -6.69 -27.91 -24.81
N GLY C 3 -6.87 -26.65 -25.20
CA GLY C 3 -6.56 -25.54 -24.31
C GLY C 3 -5.42 -24.69 -24.82
N PRO C 4 -4.91 -23.79 -23.97
CA PRO C 4 -3.82 -22.88 -24.36
C PRO C 4 -2.47 -23.56 -24.29
N ASP C 5 -1.46 -22.92 -24.89
CA ASP C 5 -0.09 -23.44 -24.91
C ASP C 5 0.72 -22.81 -23.79
N PRO C 6 1.13 -23.62 -22.79
CA PRO C 6 1.83 -23.13 -21.60
C PRO C 6 3.20 -22.52 -21.90
N GLU C 7 3.70 -22.71 -23.12
CA GLU C 7 4.96 -22.11 -23.53
C GLU C 7 4.73 -20.78 -24.24
N ASN C 8 3.47 -20.40 -24.39
CA ASN C 8 3.12 -19.14 -25.03
C ASN C 8 3.09 -18.00 -24.02
N ILE C 9 3.99 -17.03 -24.22
CA ILE C 9 4.13 -15.88 -23.32
C ILE C 9 2.84 -15.06 -23.25
N LEU C 10 2.19 -14.87 -24.40
CA LEU C 10 0.94 -14.13 -24.43
C LEU C 10 -0.19 -15.04 -24.93
N PRO C 11 -0.81 -15.79 -24.00
CA PRO C 11 -1.82 -16.82 -24.30
C PRO C 11 -3.11 -16.26 -24.89
N ILE C 12 -3.38 -14.98 -24.67
CA ILE C 12 -4.62 -14.39 -25.14
C ILE C 12 -4.40 -13.38 -26.26
N LYS C 13 -5.19 -13.50 -27.32
CA LYS C 13 -5.09 -12.61 -28.46
C LYS C 13 -5.54 -11.20 -28.06
N GLY C 14 -4.67 -10.21 -28.30
CA GLY C 14 -4.99 -8.83 -27.98
C GLY C 14 -4.47 -8.40 -26.63
N ASN C 15 -4.34 -9.35 -25.71
CA ASN C 15 -3.84 -9.07 -24.38
C ASN C 15 -2.32 -9.07 -24.36
N ARG C 16 -1.73 -7.89 -24.12
CA ARG C 16 -0.27 -7.76 -24.06
C ARG C 16 0.22 -7.66 -22.62
N ASN C 17 -0.71 -7.77 -21.67
CA ASN C 17 -0.38 -7.64 -20.26
C ASN C 17 -0.37 -8.97 -19.51
N LEU C 18 -1.33 -9.84 -19.83
CA LEU C 18 -1.44 -11.12 -19.15
C LEU C 18 -0.45 -12.12 -19.74
N GLN C 19 0.53 -12.52 -18.94
CA GLN C 19 1.59 -13.38 -19.44
C GLN C 19 1.63 -14.71 -18.69
N PHE C 20 2.00 -15.77 -19.39
CA PHE C 20 2.37 -17.01 -18.72
C PHE C 20 3.77 -16.80 -18.17
N ILE C 21 3.95 -17.06 -16.89
CA ILE C 21 5.19 -16.72 -16.20
C ILE C 21 6.37 -17.60 -16.61
N LYS C 22 6.16 -18.92 -16.64
CA LYS C 22 7.25 -19.88 -16.89
C LYS C 22 8.09 -19.64 -18.17
N PRO C 23 7.43 -19.39 -19.32
CA PRO C 23 8.27 -19.16 -20.50
C PRO C 23 8.92 -17.76 -20.54
N THR C 24 8.69 -16.95 -19.51
CA THR C 24 9.33 -15.63 -19.44
C THR C 24 10.58 -15.63 -18.56
N ILE C 25 10.71 -16.65 -17.72
CA ILE C 25 11.83 -16.73 -16.78
C ILE C 25 13.19 -16.79 -17.47
N THR C 26 14.09 -15.89 -17.10
CA THR C 26 15.45 -15.88 -17.62
C THR C 26 16.47 -16.00 -16.49
N ASN C 27 16.15 -15.43 -15.34
CA ASN C 27 17.04 -15.46 -14.19
C ASN C 27 17.01 -16.80 -13.45
N GLU C 28 18.00 -17.00 -12.58
CA GLU C 28 18.11 -18.23 -11.80
C GLU C 28 17.32 -18.12 -10.50
N ASN C 29 17.10 -19.27 -9.86
CA ASN C 29 16.40 -19.37 -8.59
C ASN C 29 14.96 -18.85 -8.61
N ILE C 30 14.36 -18.88 -9.81
CA ILE C 30 12.93 -18.62 -9.95
C ILE C 30 12.28 -19.80 -10.66
N LEU C 31 11.46 -20.54 -9.92
CA LEU C 31 10.84 -21.77 -10.43
C LEU C 31 9.33 -21.65 -10.47
N VAL C 32 8.76 -21.52 -11.66
CA VAL C 32 7.33 -21.32 -11.82
C VAL C 32 6.69 -22.39 -12.71
N GLY C 33 5.58 -22.95 -12.25
CA GLY C 33 4.91 -24.02 -12.96
C GLY C 33 4.04 -23.55 -14.11
N GLU C 34 3.63 -24.49 -14.95
CA GLU C 34 2.86 -24.17 -16.15
C GLU C 34 1.49 -23.57 -15.83
N TYR C 35 0.97 -22.80 -16.78
CA TYR C 35 -0.35 -22.17 -16.69
C TYR C 35 -0.48 -21.09 -15.62
N SER C 36 0.51 -20.98 -14.74
CA SER C 36 0.55 -19.88 -13.79
C SER C 36 0.81 -18.59 -14.53
N TYR C 37 -0.05 -17.61 -14.36
CA TYR C 37 0.05 -16.37 -15.12
C TYR C 37 0.27 -15.13 -14.26
N TYR C 38 0.77 -14.08 -14.90
CA TYR C 38 0.89 -12.78 -14.26
C TYR C 38 0.17 -11.73 -15.10
N ASP C 39 -0.93 -11.19 -14.55
CA ASP C 39 -1.69 -10.16 -15.24
C ASP C 39 -1.09 -8.79 -14.92
N SER C 40 -0.07 -8.40 -15.69
CA SER C 40 0.69 -7.16 -15.44
C SER C 40 -0.12 -5.89 -15.68
N LYS C 41 0.34 -4.78 -15.07
CA LYS C 41 -0.29 -3.48 -15.24
C LYS C 41 -0.08 -2.92 -16.64
N ARG C 42 1.16 -2.93 -17.12
CA ARG C 42 1.50 -2.30 -18.39
C ARG C 42 2.44 -3.15 -19.24
N GLY C 43 2.44 -4.46 -18.98
CA GLY C 43 3.21 -5.39 -19.77
C GLY C 43 4.56 -5.76 -19.18
N GLU C 44 4.79 -5.35 -17.93
CA GLU C 44 6.06 -5.62 -17.28
C GLU C 44 6.24 -7.12 -17.01
N SER C 45 7.49 -7.57 -17.02
CA SER C 45 7.79 -8.98 -16.81
C SER C 45 7.68 -9.34 -15.33
N PHE C 46 7.31 -10.59 -15.06
CA PHE C 46 7.19 -11.09 -13.70
C PHE C 46 8.50 -10.95 -12.92
N GLU C 47 9.63 -11.25 -13.57
CA GLU C 47 10.93 -11.15 -12.93
C GLU C 47 11.19 -9.77 -12.35
N ASP C 48 10.63 -8.75 -13.00
CA ASP C 48 10.78 -7.39 -12.52
C ASP C 48 10.03 -7.18 -11.20
N GLN C 49 9.10 -8.09 -10.91
CA GLN C 49 8.34 -8.05 -9.67
C GLN C 49 9.04 -8.81 -8.54
N VAL C 50 10.20 -9.40 -8.86
CA VAL C 50 11.00 -10.11 -7.88
C VAL C 50 12.14 -9.23 -7.40
N LEU C 51 12.06 -8.79 -6.15
CA LEU C 51 12.99 -7.79 -5.63
C LEU C 51 13.94 -8.35 -4.59
N TYR C 52 15.10 -7.71 -4.49
CA TYR C 52 16.14 -8.09 -3.53
C TYR C 52 16.52 -9.55 -3.67
N HIS C 53 16.49 -10.05 -4.89
CA HIS C 53 16.87 -11.42 -5.18
C HIS C 53 18.30 -11.45 -5.67
N TYR C 54 19.22 -11.84 -4.80
CA TYR C 54 20.64 -11.81 -5.13
C TYR C 54 21.26 -13.21 -5.17
N GLU C 55 22.12 -13.43 -6.15
CA GLU C 55 22.76 -14.72 -6.35
C GLU C 55 23.60 -15.16 -5.15
N VAL C 56 24.22 -14.20 -4.48
CA VAL C 56 25.11 -14.48 -3.37
C VAL C 56 24.40 -15.09 -2.15
N ILE C 57 23.09 -15.00 -2.13
CA ILE C 57 22.31 -15.57 -1.03
C ILE C 57 21.78 -16.96 -1.41
N GLY C 58 21.35 -17.09 -2.65
CA GLY C 58 20.94 -18.38 -3.17
C GLY C 58 19.51 -18.75 -2.83
N ASP C 59 18.76 -17.80 -2.30
CA ASP C 59 17.36 -18.04 -2.00
C ASP C 59 16.56 -18.17 -3.29
N LYS C 60 15.46 -18.93 -3.22
CA LYS C 60 14.70 -19.27 -4.41
C LYS C 60 13.25 -18.82 -4.31
N LEU C 61 12.63 -18.57 -5.46
CA LEU C 61 11.19 -18.31 -5.52
C LEU C 61 10.51 -19.44 -6.28
N ILE C 62 9.67 -20.20 -5.58
CA ILE C 62 9.02 -21.36 -6.15
C ILE C 62 7.51 -21.18 -6.20
N ILE C 63 6.93 -21.40 -7.38
CA ILE C 63 5.49 -21.26 -7.56
C ILE C 63 4.94 -22.43 -8.38
N GLY C 64 3.84 -23.02 -7.92
CA GLY C 64 3.25 -24.17 -8.58
C GLY C 64 2.56 -23.86 -9.90
N ARG C 65 1.56 -24.67 -10.24
CA ARG C 65 0.83 -24.50 -11.49
C ARG C 65 -0.52 -23.84 -11.27
N PHE C 66 -1.05 -23.26 -12.34
CA PHE C 66 -2.40 -22.68 -12.34
C PHE C 66 -2.61 -21.61 -11.27
N CYS C 67 -1.59 -20.80 -11.03
CA CYS C 67 -1.70 -19.71 -10.09
C CYS C 67 -2.10 -18.41 -10.78
N SER C 68 -3.06 -17.70 -10.18
CA SER C 68 -3.46 -16.39 -10.67
C SER C 68 -2.74 -15.32 -9.86
N ILE C 69 -1.92 -14.53 -10.53
CA ILE C 69 -1.17 -13.48 -9.86
C ILE C 69 -1.54 -12.09 -10.38
N GLY C 70 -2.23 -11.32 -9.54
CA GLY C 70 -2.71 -10.00 -9.91
C GLY C 70 -1.61 -8.98 -10.11
N PRO C 71 -1.95 -7.87 -10.80
CA PRO C 71 -1.00 -6.81 -11.15
C PRO C 71 -0.40 -6.12 -9.94
N GLY C 72 0.89 -5.80 -10.01
CA GLY C 72 1.56 -5.05 -8.96
C GLY C 72 2.04 -5.92 -7.83
N THR C 73 1.77 -7.22 -7.93
CA THR C 73 2.23 -8.17 -6.93
C THR C 73 3.75 -8.12 -6.86
N THR C 74 4.27 -8.04 -5.63
CA THR C 74 5.70 -7.93 -5.43
C THR C 74 6.21 -9.06 -4.54
N PHE C 75 7.37 -9.61 -4.91
CA PHE C 75 8.01 -10.65 -4.12
C PHE C 75 9.31 -10.12 -3.52
N ILE C 76 9.32 -9.93 -2.20
CA ILE C 76 10.51 -9.46 -1.51
C ILE C 76 11.38 -10.63 -1.06
N MET C 77 12.63 -10.67 -1.52
CA MET C 77 13.53 -11.75 -1.15
C MET C 77 14.46 -11.33 -0.01
N ASN C 78 15.43 -12.18 0.31
CA ASN C 78 16.27 -11.97 1.48
C ASN C 78 17.36 -10.89 1.35
N GLY C 79 17.60 -10.45 0.12
CA GLY C 79 18.61 -9.44 -0.13
C GLY C 79 18.28 -8.06 0.42
N ALA C 80 17.08 -7.95 1.01
CA ALA C 80 16.62 -6.67 1.55
C ALA C 80 17.12 -6.41 2.96
N ASN C 81 16.98 -7.41 3.83
CA ASN C 81 17.32 -7.27 5.25
C ASN C 81 18.79 -6.94 5.53
N HIS C 82 19.01 -6.10 6.55
CA HIS C 82 20.35 -5.71 6.96
C HIS C 82 20.76 -6.45 8.22
N ARG C 83 21.99 -6.25 8.65
CA ARG C 83 22.46 -6.80 9.92
C ARG C 83 21.74 -6.09 11.07
N MET C 84 21.31 -6.87 12.07
CA MET C 84 20.51 -6.31 13.16
C MET C 84 21.14 -6.51 14.54
N ASP C 85 22.45 -6.74 14.59
CA ASP C 85 23.13 -6.95 15.86
C ASP C 85 23.50 -5.64 16.51
N GLY C 86 23.73 -4.63 15.67
CA GLY C 86 24.01 -3.28 16.14
C GLY C 86 23.41 -2.30 15.16
N SER C 87 24.28 -1.61 14.42
CA SER C 87 23.81 -0.68 13.40
C SER C 87 23.26 -1.43 12.19
N THR C 88 22.10 -1.01 11.70
CA THR C 88 21.52 -1.60 10.51
C THR C 88 22.00 -0.87 9.26
N TYR C 89 22.98 0.01 9.42
CA TYR C 89 23.51 0.78 8.30
C TYR C 89 24.50 -0.04 7.47
N PRO C 90 24.17 -0.25 6.18
CA PRO C 90 25.02 -1.08 5.32
C PRO C 90 26.30 -0.38 4.90
N PHE C 91 27.25 -0.24 5.83
CA PHE C 91 28.51 0.44 5.56
C PHE C 91 29.24 -0.14 4.35
N HIS C 92 29.27 -1.47 4.27
CA HIS C 92 30.03 -2.17 3.23
C HIS C 92 29.67 -1.75 1.80
N LEU C 93 28.43 -1.31 1.59
CA LEU C 93 27.99 -0.91 0.27
C LEU C 93 28.78 0.27 -0.29
N PHE C 94 29.14 1.21 0.58
CA PHE C 94 29.79 2.43 0.15
C PHE C 94 31.29 2.29 0.01
N ARG C 95 31.81 1.17 0.50
CA ARG C 95 33.23 0.81 0.38
C ARG C 95 34.18 1.93 0.81
N MET C 96 35.21 2.15 0.00
CA MET C 96 36.26 3.11 0.32
C MET C 96 36.81 2.90 1.73
N GLY C 97 37.03 1.64 2.07
CA GLY C 97 37.53 1.27 3.38
C GLY C 97 36.49 0.56 4.24
N TRP C 98 35.25 0.52 3.76
CA TRP C 98 34.18 -0.10 4.52
C TRP C 98 33.80 -1.49 4.00
N GLU C 99 34.34 -1.85 2.83
CA GLU C 99 34.02 -3.12 2.20
C GLU C 99 34.35 -4.32 3.08
N LYS C 100 35.33 -4.13 3.96
CA LYS C 100 35.73 -5.16 4.92
C LYS C 100 34.61 -5.48 5.92
N TYR C 101 33.64 -4.58 6.04
CA TYR C 101 32.57 -4.73 7.02
C TYR C 101 31.35 -5.46 6.47
N MET C 102 31.52 -6.15 5.35
CA MET C 102 30.45 -6.93 4.75
C MET C 102 30.02 -8.05 5.70
N PRO C 103 28.71 -8.20 5.91
CA PRO C 103 28.17 -9.22 6.81
C PRO C 103 28.19 -10.61 6.17
N SER C 104 28.45 -11.62 6.98
CA SER C 104 28.36 -13.01 6.52
C SER C 104 26.91 -13.44 6.51
N LEU C 105 26.65 -14.63 5.99
CA LEU C 105 25.30 -15.17 5.95
C LEU C 105 24.79 -15.50 7.35
N LYS C 106 25.70 -15.88 8.23
CA LYS C 106 25.34 -16.14 9.63
C LYS C 106 24.90 -14.87 10.34
N ASP C 107 25.45 -13.73 9.90
CA ASP C 107 25.15 -12.45 10.50
C ASP C 107 23.77 -11.93 10.08
N LEU C 108 23.27 -12.43 8.96
CA LEU C 108 22.00 -11.95 8.41
C LEU C 108 20.83 -12.80 8.89
N PRO C 109 19.68 -12.15 9.12
CA PRO C 109 18.46 -12.84 9.55
C PRO C 109 17.70 -13.45 8.37
N LEU C 110 18.38 -14.30 7.59
CA LEU C 110 17.77 -14.90 6.39
C LEU C 110 16.56 -15.77 6.75
N LYS C 111 15.48 -15.60 5.98
CA LYS C 111 14.22 -16.29 6.28
C LYS C 111 13.94 -17.51 5.40
N GLY C 112 14.79 -17.74 4.40
CA GLY C 112 14.61 -18.91 3.54
C GLY C 112 13.91 -18.61 2.24
N ASP C 113 13.36 -19.65 1.61
CA ASP C 113 12.72 -19.52 0.31
C ASP C 113 11.24 -19.15 0.40
N ILE C 114 10.73 -18.49 -0.64
CA ILE C 114 9.31 -18.23 -0.76
C ILE C 114 8.68 -19.32 -1.60
N GLU C 115 7.83 -20.13 -0.97
CA GLU C 115 7.21 -21.26 -1.65
C GLU C 115 5.70 -21.07 -1.75
N ILE C 116 5.20 -21.10 -2.97
CA ILE C 116 3.77 -20.97 -3.22
C ILE C 116 3.29 -22.22 -3.94
N GLY C 117 2.18 -22.79 -3.47
CA GLY C 117 1.66 -24.02 -4.03
C GLY C 117 1.02 -23.86 -5.40
N ASN C 118 0.07 -24.74 -5.69
CA ASN C 118 -0.65 -24.72 -6.96
C ASN C 118 -2.05 -24.14 -6.79
N ASP C 119 -2.65 -23.70 -7.90
CA ASP C 119 -4.02 -23.16 -7.91
C ASP C 119 -4.22 -22.07 -6.86
N VAL C 120 -3.22 -21.21 -6.71
CA VAL C 120 -3.23 -20.15 -5.72
C VAL C 120 -3.64 -18.82 -6.35
N TRP C 121 -4.68 -18.20 -5.80
CA TRP C 121 -5.14 -16.89 -6.26
C TRP C 121 -4.52 -15.77 -5.43
N ILE C 122 -3.65 -14.99 -6.07
CA ILE C 122 -3.01 -13.86 -5.41
C ILE C 122 -3.55 -12.54 -5.95
N GLY C 123 -4.18 -11.76 -5.09
CA GLY C 123 -4.83 -10.53 -5.49
C GLY C 123 -3.90 -9.45 -6.00
N ARG C 124 -4.47 -8.33 -6.43
CA ARG C 124 -3.69 -7.23 -6.98
C ARG C 124 -2.93 -6.48 -5.89
N ASP C 125 -1.74 -5.99 -6.24
CA ASP C 125 -0.88 -5.22 -5.34
C ASP C 125 -0.54 -5.92 -4.02
N VAL C 126 -0.39 -7.23 -4.06
CA VAL C 126 0.01 -8.00 -2.90
C VAL C 126 1.53 -7.98 -2.75
N THR C 127 2.02 -7.92 -1.51
CA THR C 127 3.46 -8.00 -1.27
C THR C 127 3.81 -9.26 -0.47
N ILE C 128 4.70 -10.07 -1.02
CA ILE C 128 5.10 -11.32 -0.37
C ILE C 128 6.45 -11.18 0.33
N MET C 129 6.46 -11.41 1.65
CA MET C 129 7.67 -11.30 2.45
C MET C 129 8.57 -12.53 2.32
N PRO C 130 9.87 -12.38 2.63
CA PRO C 130 10.81 -13.50 2.52
C PRO C 130 10.46 -14.69 3.42
N GLY C 131 10.68 -15.91 2.92
CA GLY C 131 10.51 -17.12 3.70
C GLY C 131 9.08 -17.59 3.86
N VAL C 132 8.16 -16.93 3.16
CA VAL C 132 6.74 -17.23 3.27
C VAL C 132 6.34 -18.46 2.47
N LYS C 133 5.62 -19.38 3.11
CA LYS C 133 5.06 -20.55 2.43
C LYS C 133 3.55 -20.40 2.28
N ILE C 134 3.05 -20.54 1.05
CA ILE C 134 1.62 -20.42 0.79
C ILE C 134 1.05 -21.73 0.23
N GLY C 135 0.06 -22.27 0.93
CA GLY C 135 -0.52 -23.56 0.55
C GLY C 135 -1.31 -23.54 -0.75
N ASP C 136 -1.65 -24.71 -1.25
CA ASP C 136 -2.43 -24.82 -2.48
C ASP C 136 -3.84 -24.28 -2.27
N GLY C 137 -4.46 -23.80 -3.35
CA GLY C 137 -5.83 -23.34 -3.31
C GLY C 137 -6.09 -22.11 -2.45
N ALA C 138 -5.04 -21.61 -1.79
CA ALA C 138 -5.16 -20.44 -0.94
C ALA C 138 -5.52 -19.21 -1.76
N ILE C 139 -6.30 -18.32 -1.16
CA ILE C 139 -6.62 -17.04 -1.80
C ILE C 139 -5.99 -15.90 -1.02
N ILE C 140 -5.25 -15.05 -1.72
CA ILE C 140 -4.63 -13.89 -1.11
C ILE C 140 -5.39 -12.63 -1.54
N ALA C 141 -6.06 -11.99 -0.60
CA ALA C 141 -6.85 -10.78 -0.89
C ALA C 141 -5.96 -9.67 -1.43
N ALA C 142 -6.55 -8.75 -2.16
CA ALA C 142 -5.79 -7.65 -2.76
C ALA C 142 -5.16 -6.76 -1.69
N GLU C 143 -4.06 -6.11 -2.05
CA GLU C 143 -3.36 -5.16 -1.19
C GLU C 143 -2.75 -5.79 0.07
N ALA C 144 -2.81 -7.11 0.17
CA ALA C 144 -2.34 -7.81 1.37
C ALA C 144 -0.82 -7.87 1.45
N VAL C 145 -0.31 -7.84 2.68
CA VAL C 145 1.11 -8.00 2.91
C VAL C 145 1.34 -9.32 3.65
N VAL C 146 1.75 -10.34 2.91
CA VAL C 146 1.89 -11.68 3.46
C VAL C 146 3.13 -11.79 4.34
N THR C 147 2.93 -11.65 5.64
CA THR C 147 4.03 -11.62 6.59
C THR C 147 4.21 -12.95 7.32
N LYS C 148 3.51 -13.98 6.87
CA LYS C 148 3.62 -15.30 7.48
C LYS C 148 3.12 -16.40 6.55
N ASN C 149 3.25 -17.65 6.98
CA ASN C 149 2.79 -18.79 6.19
C ASN C 149 1.29 -18.79 5.98
N VAL C 150 0.86 -19.24 4.79
CA VAL C 150 -0.56 -19.31 4.46
C VAL C 150 -1.00 -20.76 4.27
N ALA C 151 -1.90 -21.22 5.14
CA ALA C 151 -2.42 -22.57 5.07
C ALA C 151 -3.17 -22.82 3.76
N PRO C 152 -3.10 -24.06 3.25
CA PRO C 152 -3.79 -24.45 2.01
C PRO C 152 -5.29 -24.21 2.09
N TYR C 153 -5.87 -23.64 1.03
CA TYR C 153 -7.30 -23.42 0.92
C TYR C 153 -7.86 -22.52 2.02
N SER C 154 -7.11 -21.47 2.33
CA SER C 154 -7.56 -20.48 3.32
C SER C 154 -7.53 -19.09 2.69
N ILE C 155 -8.43 -18.23 3.13
CA ILE C 155 -8.48 -16.87 2.64
C ILE C 155 -7.83 -15.92 3.64
N VAL C 156 -6.87 -15.13 3.17
CA VAL C 156 -6.15 -14.22 4.04
C VAL C 156 -5.97 -12.87 3.38
N GLY C 157 -5.69 -11.85 4.20
CA GLY C 157 -5.45 -10.52 3.69
C GLY C 157 -5.00 -9.53 4.76
N GLY C 158 -4.68 -8.32 4.33
CA GLY C 158 -4.35 -7.25 5.25
C GLY C 158 -2.86 -7.09 5.55
N ASN C 159 -2.53 -5.99 6.22
CA ASN C 159 -1.17 -5.72 6.65
C ASN C 159 -1.14 -5.32 8.13
N PRO C 160 -0.55 -6.17 8.99
CA PRO C 160 0.05 -7.47 8.65
C PRO C 160 -1.02 -8.49 8.30
N LEU C 161 -0.61 -9.65 7.79
CA LEU C 161 -1.55 -10.65 7.30
C LEU C 161 -2.49 -11.15 8.38
N LYS C 162 -3.78 -11.20 8.06
CA LYS C 162 -4.79 -11.75 8.97
C LYS C 162 -5.51 -12.93 8.31
N PHE C 163 -5.91 -13.90 9.12
CA PHE C 163 -6.66 -15.06 8.64
C PHE C 163 -8.15 -14.73 8.57
N ILE C 164 -8.71 -14.74 7.37
CA ILE C 164 -10.13 -14.45 7.20
C ILE C 164 -10.98 -15.69 7.46
N ARG C 165 -10.82 -16.73 6.64
CA ARG C 165 -11.56 -17.98 6.82
C ARG C 165 -11.01 -19.11 5.94
N LYS C 166 -11.34 -20.34 6.29
CA LYS C 166 -11.06 -21.49 5.43
C LYS C 166 -12.14 -21.63 4.37
N ARG C 167 -11.71 -21.88 3.13
CA ARG C 167 -12.61 -21.99 1.99
C ARG C 167 -13.62 -23.13 2.16
N PHE C 168 -13.10 -24.31 2.52
CA PHE C 168 -13.93 -25.51 2.67
C PHE C 168 -13.75 -26.10 4.06
N SER C 169 -14.43 -27.21 4.33
CA SER C 169 -14.27 -27.90 5.60
C SER C 169 -12.95 -28.67 5.60
N ASP C 170 -12.54 -29.14 6.78
CA ASP C 170 -11.28 -29.86 6.92
C ASP C 170 -11.23 -31.10 6.04
N GLY C 171 -12.33 -31.84 5.99
CA GLY C 171 -12.42 -33.03 5.17
C GLY C 171 -12.26 -32.76 3.69
N VAL C 172 -12.98 -31.76 3.19
CA VAL C 172 -12.93 -31.41 1.77
C VAL C 172 -11.53 -30.95 1.38
N ILE C 173 -10.90 -30.14 2.23
CA ILE C 173 -9.53 -29.68 2.02
C ILE C 173 -8.56 -30.87 1.84
N GLU C 174 -8.69 -31.87 2.70
CA GLU C 174 -7.85 -33.07 2.62
C GLU C 174 -8.05 -33.79 1.30
N GLU C 175 -9.28 -33.76 0.80
CA GLU C 175 -9.63 -34.43 -0.44
C GLU C 175 -9.04 -33.73 -1.67
N TRP C 176 -8.98 -32.40 -1.62
CA TRP C 176 -8.36 -31.63 -2.70
C TRP C 176 -6.86 -31.86 -2.70
N LEU C 177 -6.28 -31.90 -1.50
CA LEU C 177 -4.85 -32.10 -1.33
C LEU C 177 -4.42 -33.50 -1.74
N ALA C 178 -5.35 -34.45 -1.65
CA ALA C 178 -5.08 -35.82 -2.06
C ALA C 178 -5.28 -35.96 -3.57
N LEU C 179 -6.14 -35.11 -4.13
CA LEU C 179 -6.43 -35.15 -5.56
C LEU C 179 -5.27 -34.62 -6.38
N GLN C 180 -4.91 -33.35 -6.14
CA GLN C 180 -3.84 -32.69 -6.88
C GLN C 180 -4.07 -32.71 -8.39
N TRP C 181 -5.17 -32.11 -8.84
CA TRP C 181 -5.53 -32.13 -10.26
C TRP C 181 -4.46 -31.47 -11.12
N TRP C 182 -3.74 -30.54 -10.52
CA TRP C 182 -2.62 -29.86 -11.18
C TRP C 182 -1.48 -30.80 -11.56
N ASN C 183 -1.43 -31.98 -10.94
CA ASN C 183 -0.40 -32.96 -11.26
C ASN C 183 -0.87 -34.02 -12.26
N LEU C 184 -2.18 -34.05 -12.51
CA LEU C 184 -2.75 -34.95 -13.50
C LEU C 184 -2.39 -34.49 -14.90
N ASP C 185 -2.44 -35.42 -15.85
CA ASP C 185 -2.13 -35.11 -17.24
C ASP C 185 -3.22 -34.20 -17.82
N MET C 186 -2.83 -33.38 -18.79
CA MET C 186 -3.75 -32.42 -19.38
C MET C 186 -4.94 -33.10 -20.06
N LYS C 187 -4.75 -34.35 -20.47
CA LYS C 187 -5.85 -35.11 -21.03
C LYS C 187 -6.89 -35.41 -19.95
N ILE C 188 -6.42 -35.69 -18.74
CA ILE C 188 -7.30 -36.00 -17.62
C ILE C 188 -7.95 -34.75 -17.06
N ILE C 189 -7.19 -33.66 -17.00
CA ILE C 189 -7.72 -32.39 -16.51
C ILE C 189 -8.86 -31.90 -17.39
N ASN C 190 -8.65 -31.91 -18.70
CA ASN C 190 -9.69 -31.49 -19.65
C ASN C 190 -10.96 -32.33 -19.59
N GLU C 191 -10.86 -33.52 -19.01
CA GLU C 191 -12.04 -34.37 -18.85
C GLU C 191 -12.73 -34.09 -17.52
N ASN C 192 -12.03 -33.38 -16.65
CA ASN C 192 -12.51 -33.15 -15.29
C ASN C 192 -12.75 -31.68 -14.97
N LEU C 193 -12.46 -30.82 -15.94
CA LEU C 193 -12.65 -29.38 -15.78
C LEU C 193 -14.04 -28.95 -15.28
N PRO C 194 -15.12 -29.56 -15.80
CA PRO C 194 -16.43 -29.17 -15.24
C PRO C 194 -16.58 -29.49 -13.75
N PHE C 195 -15.72 -30.35 -13.22
CA PHE C 195 -15.78 -30.71 -11.80
C PHE C 195 -14.76 -29.93 -10.98
N ILE C 196 -13.63 -29.61 -11.60
CA ILE C 196 -12.60 -28.79 -10.97
C ILE C 196 -13.12 -27.37 -10.76
N ILE C 197 -13.94 -26.91 -11.71
CA ILE C 197 -14.49 -25.56 -11.67
C ILE C 197 -15.72 -25.45 -10.78
N ASN C 198 -16.63 -26.42 -10.86
CA ASN C 198 -17.83 -26.37 -10.04
C ASN C 198 -17.63 -26.94 -8.65
N GLY C 199 -16.40 -27.34 -8.36
CA GLY C 199 -16.03 -27.80 -7.03
C GLY C 199 -16.56 -29.17 -6.64
N ASP C 200 -17.30 -29.82 -7.53
CA ASP C 200 -17.84 -31.15 -7.22
C ASP C 200 -16.73 -32.19 -7.13
N ILE C 201 -16.15 -32.32 -5.95
CA ILE C 201 -14.99 -33.17 -5.76
C ILE C 201 -15.36 -34.63 -5.50
N GLU C 202 -16.58 -34.87 -5.03
CA GLU C 202 -17.06 -36.22 -4.82
C GLU C 202 -17.09 -37.00 -6.13
N MET C 203 -17.36 -36.29 -7.22
CA MET C 203 -17.40 -36.90 -8.54
C MET C 203 -15.99 -37.12 -9.07
N LEU C 204 -15.05 -36.33 -8.55
CA LEU C 204 -13.65 -36.47 -8.90
C LEU C 204 -13.03 -37.68 -8.22
N LYS C 205 -13.42 -37.90 -6.97
CA LYS C 205 -12.95 -39.06 -6.22
C LYS C 205 -13.42 -40.35 -6.89
N ARG C 206 -14.61 -40.32 -7.47
CA ARG C 206 -15.12 -41.44 -8.26
C ARG C 206 -14.26 -41.62 -9.50
N LYS C 207 -13.92 -40.51 -10.14
CA LYS C 207 -13.18 -40.52 -11.38
C LYS C 207 -11.71 -40.90 -11.16
N ARG C 208 -11.15 -40.46 -10.03
CA ARG C 208 -9.78 -40.80 -9.70
C ARG C 208 -9.66 -42.26 -9.28
N LYS C 209 -10.74 -42.80 -8.71
CA LYS C 209 -10.80 -44.21 -8.34
C LYS C 209 -10.72 -45.11 -9.55
N LEU C 210 -11.43 -44.73 -10.61
CA LEU C 210 -11.40 -45.49 -11.87
C LEU C 210 -10.13 -45.17 -12.65
N LEU C 211 -9.41 -44.15 -12.19
CA LEU C 211 -8.13 -43.77 -12.78
C LEU C 211 -7.01 -44.52 -12.07
N ASP C 212 -7.19 -44.73 -10.77
CA ASP C 212 -6.19 -45.42 -9.96
C ASP C 212 -6.55 -46.90 -9.80
#